data_5WRO
#
_entry.id   5WRO
#
_cell.length_a   118.820
_cell.length_b   118.820
_cell.length_c   229.792
_cell.angle_alpha   90.00
_cell.angle_beta   90.00
_cell.angle_gamma   120.00
#
_symmetry.space_group_name_H-M   'H 3 2'
#
loop_
_entity.id
_entity.type
_entity.pdbx_description
1 polymer Enolase
2 non-polymer 'CADMIUM ION'
3 non-polymer 'COBALT (II) ION'
4 non-polymer 'CHLORIDE ION'
5 non-polymer 'SULFATE ION'
6 non-polymer GLYCEROL
7 water water
#
_entity_poly.entity_id   1
_entity_poly.type   'polypeptide(L)'
_entity_poly.pdbx_seq_one_letter_code
;GAMDPEFTIKAIKARQIYDSRGNPTVEVDLTTELGLFRAAVPSGASTGVHEALELRDNDKANYHGKSVLKAVGHVNDTLG
PELIKANLDVVDQASIDNFMIKLDGTENKSKFGANAILGVSLAVAKAGAAKKGVPLYKHIADLAGNKEIILPVPAFNVIN
GGSHAGNKLAMQEFMILPTGATSFTEAMKMGSEVYHHLKNVIKAKFGLDATAVGDEGGFAPNIQSNKEALNLISDAIAKA
GYTGKIEIGMDVAASEFYKDGQYDLDFKNEKSDKSQWLPADKLANLYQEFIKDFPIVSIEDPFDQDHWEAWSNLTGCTDI
QIVGDDLTVTNPKRIATAVEKKACNCLLLKVNQIGTVTESIAAHLLAKKNGWGTMVSHRSGETEDSFIGDLVVGLSTGQI
KTGAPCRSERLAKYNQILRIEEEIGAGVKFAGKSFRKPQ
;
_entity_poly.pdbx_strand_id   A
#
loop_
_chem_comp.id
_chem_comp.type
_chem_comp.name
_chem_comp.formula
CD non-polymer 'CADMIUM ION' 'Cd 2'
CL non-polymer 'CHLORIDE ION' 'Cl -1'
CO non-polymer 'COBALT (II) ION' 'Co 2'
GOL non-polymer GLYCEROL 'C3 H8 O3'
SO4 non-polymer 'SULFATE ION' 'O4 S -2'
#
# COMPACT_ATOMS: atom_id res chain seq x y z
N GLY A 1 27.39 7.47 35.49
CA GLY A 1 26.56 6.92 34.44
C GLY A 1 25.35 7.74 34.02
N ALA A 2 24.32 7.05 33.54
CA ALA A 2 23.17 7.78 33.03
C ALA A 2 22.44 8.50 34.16
N MET A 3 21.70 9.53 33.76
CA MET A 3 20.76 10.21 34.65
C MET A 3 19.45 10.38 33.91
N ASP A 4 18.35 10.10 34.59
CA ASP A 4 17.04 10.18 33.96
C ASP A 4 16.62 11.65 33.83
N PRO A 5 16.43 12.17 32.62
CA PRO A 5 16.03 13.57 32.45
C PRO A 5 14.55 13.83 32.66
N GLU A 6 13.76 12.79 32.93
CA GLU A 6 12.31 12.93 33.14
C GLU A 6 11.64 13.56 31.92
N PHE A 7 12.02 13.11 30.74
CA PHE A 7 11.41 13.56 29.49
C PHE A 7 10.23 12.64 29.11
N THR A 8 9.43 13.12 28.15
CA THR A 8 8.22 12.40 27.77
C THR A 8 8.52 11.04 27.16
N ILE A 9 9.62 10.93 26.42
CA ILE A 9 10.06 9.67 25.85
C ILE A 9 11.27 9.17 26.65
N LYS A 10 11.20 7.90 27.09
CA LYS A 10 12.26 7.37 27.93
C LYS A 10 13.41 6.83 27.10
N ALA A 11 13.11 6.12 26.02
CA ALA A 11 14.16 5.54 25.18
C ALA A 11 13.64 5.38 23.76
N ILE A 12 14.57 5.44 22.82
CA ILE A 12 14.29 5.17 21.41
C ILE A 12 15.45 4.32 20.90
N LYS A 13 15.15 3.15 20.35
CA LYS A 13 16.18 2.21 19.95
C LYS A 13 15.81 1.63 18.59
N ALA A 14 16.68 1.80 17.60
CA ALA A 14 16.48 1.20 16.29
C ALA A 14 17.36 -0.03 16.12
N ARG A 15 16.92 -0.95 15.26
CA ARG A 15 17.69 -2.15 14.95
C ARG A 15 17.41 -2.56 13.52
N GLN A 16 18.28 -3.42 13.01
CA GLN A 16 18.09 -4.02 11.71
C GLN A 16 17.38 -5.36 11.85
N ILE A 17 16.26 -5.51 11.13
CA ILE A 17 15.56 -6.79 11.01
C ILE A 17 15.46 -7.18 9.53
N TYR A 18 14.81 -8.29 9.24
CA TYR A 18 14.64 -8.74 7.85
C TYR A 18 13.21 -8.56 7.38
N ASP A 19 13.05 -8.06 6.15
CA ASP A 19 11.73 -7.96 5.55
C ASP A 19 11.37 -9.29 4.87
N SER A 20 10.18 -9.35 4.27
CA SER A 20 9.60 -10.59 3.77
C SER A 20 10.32 -11.12 2.54
N ARG A 21 11.14 -10.31 1.87
CA ARG A 21 11.97 -10.78 0.78
C ARG A 21 13.37 -11.17 1.24
N GLY A 22 13.64 -11.12 2.54
CA GLY A 22 14.95 -11.47 3.04
C GLY A 22 15.96 -10.35 3.00
N ASN A 23 15.51 -9.09 2.92
CA ASN A 23 16.42 -7.94 2.91
C ASN A 23 16.28 -7.12 4.21
N PRO A 24 17.39 -6.53 4.68
CA PRO A 24 17.33 -5.75 5.93
C PRO A 24 16.35 -4.60 5.84
N THR A 25 15.74 -4.28 6.98
CA THR A 25 14.99 -3.03 7.09
C THR A 25 15.06 -2.56 8.54
N VAL A 26 14.44 -1.41 8.79
CA VAL A 26 14.54 -0.73 10.08
C VAL A 26 13.36 -1.10 10.96
N GLU A 27 13.63 -1.33 12.24
CA GLU A 27 12.61 -1.42 13.27
C GLU A 27 12.99 -0.50 14.42
N VAL A 28 11.99 0.14 15.03
CA VAL A 28 12.21 1.09 16.11
C VAL A 28 11.36 0.68 17.32
N ASP A 29 11.99 0.65 18.51
CA ASP A 29 11.33 0.53 19.80
C ASP A 29 11.33 1.90 20.45
N LEU A 30 10.15 2.40 20.82
CA LEU A 30 10.03 3.66 21.57
C LEU A 30 9.38 3.34 22.90
N THR A 31 10.01 3.77 23.99
CA THR A 31 9.54 3.48 25.33
C THR A 31 9.09 4.76 26.03
N THR A 32 7.90 4.72 26.62
CA THR A 32 7.40 5.75 27.54
C THR A 32 7.09 5.09 28.87
N GLU A 33 6.58 5.89 29.80
CA GLU A 33 6.16 5.35 31.10
C GLU A 33 5.04 4.33 30.95
N LEU A 34 4.36 4.31 29.81
CA LEU A 34 3.28 3.36 29.61
C LEU A 34 3.70 2.12 28.84
N GLY A 35 4.97 2.01 28.42
CA GLY A 35 5.45 0.76 27.89
C GLY A 35 6.30 0.97 26.65
N LEU A 36 6.53 -0.14 25.93
CA LEU A 36 7.34 -0.15 24.74
C LEU A 36 6.45 -0.22 23.52
N PHE A 37 6.75 0.59 22.52
CA PHE A 37 5.96 0.64 21.30
C PHE A 37 6.86 0.38 20.11
N ARG A 38 6.53 -0.64 19.32
CA ARG A 38 7.42 -1.15 18.29
C ARG A 38 6.81 -0.99 16.91
N ALA A 39 7.63 -0.57 15.95
CA ALA A 39 7.17 -0.46 14.56
C ALA A 39 8.33 -0.73 13.62
N ALA A 40 8.02 -1.27 12.43
CA ALA A 40 9.03 -1.57 11.43
C ALA A 40 8.63 -0.92 10.10
N VAL A 41 9.62 -0.77 9.21
CA VAL A 41 9.48 0.03 8.00
C VAL A 41 9.44 -0.91 6.80
N PRO A 42 8.47 -0.77 5.90
CA PRO A 42 8.46 -1.59 4.67
C PRO A 42 9.43 -1.03 3.65
N SER A 43 9.61 -1.80 2.57
CA SER A 43 10.51 -1.36 1.50
C SER A 43 9.98 -1.80 0.14
N GLY A 44 9.96 -0.87 -0.81
CA GLY A 44 9.53 -1.17 -2.15
C GLY A 44 10.60 -1.88 -2.96
N ALA A 45 10.16 -2.52 -4.04
CA ALA A 45 11.06 -3.38 -4.82
C ALA A 45 12.15 -2.57 -5.52
N SER A 46 11.87 -1.32 -5.87
CA SER A 46 12.80 -0.51 -6.66
C SER A 46 12.73 0.94 -6.20
N THR A 47 13.64 1.75 -6.76
CA THR A 47 13.69 3.17 -6.48
C THR A 47 12.57 3.90 -7.21
N GLY A 48 11.95 4.85 -6.52
CA GLY A 48 10.87 5.63 -7.09
C GLY A 48 11.31 6.70 -8.06
N VAL A 49 12.05 7.69 -7.54
CA VAL A 49 12.60 8.90 -8.19
C VAL A 49 11.95 10.12 -7.55
N HIS A 50 10.69 9.98 -7.16
CA HIS A 50 10.00 11.05 -6.49
C HIS A 50 9.74 10.74 -4.99
N GLU A 51 10.13 9.56 -4.53
CA GLU A 51 9.91 9.14 -3.16
C GLU A 51 10.88 9.86 -2.22
N ALA A 52 10.53 9.88 -0.93
CA ALA A 52 11.51 10.18 0.09
C ALA A 52 12.59 9.10 0.10
N LEU A 53 13.82 9.49 0.40
CA LEU A 53 14.96 8.60 0.22
C LEU A 53 14.96 7.49 1.27
N GLU A 54 14.94 6.24 0.80
CA GLU A 54 15.26 5.09 1.63
C GLU A 54 16.78 4.95 1.71
N LEU A 55 17.35 5.06 2.92
CA LEU A 55 18.80 5.06 3.09
C LEU A 55 19.32 3.63 3.24
N ARG A 56 20.12 3.19 2.26
CA ARG A 56 20.81 1.91 2.27
C ARG A 56 22.31 2.14 2.44
N ASP A 57 23.00 1.14 3.02
CA ASP A 57 24.42 1.32 3.30
C ASP A 57 25.26 1.28 2.03
N ASN A 58 24.82 0.53 1.01
CA ASN A 58 25.62 0.36 -0.20
C ASN A 58 27.03 -0.15 0.12
N ASP A 59 27.13 -1.01 1.12
CA ASP A 59 28.40 -1.70 1.38
C ASP A 59 28.38 -2.97 0.54
N LYS A 60 29.14 -2.99 -0.56
CA LYS A 60 29.09 -4.14 -1.46
C LYS A 60 29.54 -5.42 -0.74
N ALA A 61 30.38 -5.30 0.29
CA ALA A 61 30.94 -6.45 0.99
C ALA A 61 29.96 -7.13 1.96
N ASN A 62 28.82 -6.52 2.28
CA ASN A 62 27.89 -7.10 3.24
C ASN A 62 26.46 -6.87 2.79
N TYR A 63 25.66 -7.96 2.76
CA TYR A 63 24.25 -7.87 2.38
C TYR A 63 24.05 -7.33 0.97
N HIS A 64 25.05 -7.40 0.13
CA HIS A 64 24.99 -6.90 -1.19
C HIS A 64 24.55 -5.46 -1.28
N GLY A 65 25.01 -4.66 -0.36
CA GLY A 65 24.73 -3.24 -0.34
C GLY A 65 23.44 -2.83 0.32
N LYS A 66 22.64 -3.77 0.83
CA LYS A 66 21.30 -3.44 1.27
C LYS A 66 21.11 -3.36 2.77
N SER A 67 22.18 -3.39 3.56
CA SER A 67 21.95 -3.21 4.99
C SER A 67 21.49 -1.77 5.29
N VAL A 68 20.89 -1.59 6.46
CA VAL A 68 20.34 -0.30 6.84
C VAL A 68 20.96 0.17 8.15
N LEU A 69 22.23 -0.21 8.37
CA LEU A 69 22.91 0.19 9.60
C LEU A 69 23.11 1.69 9.71
N LYS A 70 23.28 2.40 8.60
CA LYS A 70 23.43 3.86 8.70
C LYS A 70 22.13 4.50 9.17
N ALA A 71 21.01 4.08 8.58
CA ALA A 71 19.70 4.56 9.01
C ALA A 71 19.47 4.22 10.48
N VAL A 72 19.74 2.95 10.86
CA VAL A 72 19.64 2.56 12.26
C VAL A 72 20.53 3.46 13.12
N GLY A 73 21.75 3.74 12.64
CA GLY A 73 22.66 4.59 13.41
C GLY A 73 22.13 6.00 13.56
N HIS A 74 21.46 6.53 12.54
CA HIS A 74 20.90 7.87 12.66
C HIS A 74 19.85 7.94 13.76
N VAL A 75 18.98 6.93 13.86
CA VAL A 75 18.01 6.92 14.94
C VAL A 75 18.73 6.87 16.29
N ASN A 76 19.66 5.92 16.45
CA ASN A 76 20.26 5.72 17.76
C ASN A 76 21.20 6.86 18.14
N ASP A 77 21.86 7.49 17.17
CA ASP A 77 22.89 8.47 17.48
C ASP A 77 22.41 9.91 17.46
N THR A 78 21.37 10.24 16.70
CA THR A 78 21.05 11.64 16.49
C THR A 78 19.55 11.91 16.60
N LEU A 79 18.78 11.28 15.73
CA LEU A 79 17.35 11.54 15.67
C LEU A 79 16.67 11.22 16.99
N GLY A 80 16.94 10.03 17.54
CA GLY A 80 16.38 9.61 18.80
C GLY A 80 16.77 10.52 19.95
N PRO A 81 18.08 10.71 20.17
CA PRO A 81 18.49 11.60 21.27
C PRO A 81 17.92 13.01 21.17
N GLU A 82 17.87 13.59 19.96
CA GLU A 82 17.33 14.94 19.84
C GLU A 82 15.82 14.97 20.07
N LEU A 83 15.09 13.96 19.57
CA LEU A 83 13.65 13.94 19.82
C LEU A 83 13.35 13.82 21.31
N ILE A 84 14.08 12.94 22.00
CA ILE A 84 13.90 12.78 23.44
C ILE A 84 14.11 14.10 24.15
N LYS A 85 15.21 14.81 23.83
CA LYS A 85 15.49 16.09 24.47
C LYS A 85 14.42 17.13 24.16
N ALA A 86 13.74 17.01 23.02
CA ALA A 86 12.69 17.96 22.68
C ALA A 86 11.52 17.90 23.64
N ASN A 87 11.34 16.76 24.32
CA ASN A 87 10.38 16.65 25.43
C ASN A 87 8.96 17.03 24.98
N LEU A 88 8.54 16.44 23.88
CA LEU A 88 7.25 16.75 23.29
C LEU A 88 6.19 15.76 23.77
N ASP A 89 4.94 16.23 23.83
CA ASP A 89 3.80 15.38 24.14
C ASP A 89 3.58 14.34 23.05
N VAL A 90 3.68 13.06 23.42
CA VAL A 90 3.60 11.99 22.43
C VAL A 90 2.24 11.90 21.75
N VAL A 91 1.20 12.55 22.27
CA VAL A 91 -0.06 12.56 21.53
C VAL A 91 -0.06 13.60 20.42
N ASP A 92 0.86 14.57 20.44
CA ASP A 92 0.93 15.58 19.39
C ASP A 92 1.83 15.05 18.27
N GLN A 93 1.26 14.13 17.48
CA GLN A 93 1.96 13.53 16.36
C GLN A 93 2.59 14.58 15.44
N ALA A 94 1.84 15.64 15.14
CA ALA A 94 2.30 16.66 14.19
C ALA A 94 3.55 17.38 14.69
N SER A 95 3.57 17.76 15.97
CA SER A 95 4.75 18.46 16.48
C SER A 95 5.98 17.57 16.41
N ILE A 96 5.82 16.31 16.76
CA ILE A 96 6.95 15.39 16.76
C ILE A 96 7.42 15.11 15.35
N ASP A 97 6.50 14.80 14.43
CA ASP A 97 6.85 14.61 13.03
C ASP A 97 7.49 15.85 12.43
N ASN A 98 6.93 17.04 12.70
CA ASN A 98 7.51 18.26 12.13
C ASN A 98 8.87 18.56 12.75
N PHE A 99 9.06 18.19 14.01
CA PHE A 99 10.39 18.33 14.60
C PHE A 99 11.41 17.45 13.87
N MET A 100 11.03 16.22 13.55
CA MET A 100 11.91 15.31 12.86
C MET A 100 12.19 15.80 11.49
N ILE A 101 11.18 16.20 10.77
CA ILE A 101 11.34 16.76 9.42
C ILE A 101 12.34 17.92 9.45
N LYS A 102 12.13 18.87 10.37
CA LYS A 102 13.03 20.00 10.46
C LYS A 102 14.43 19.60 10.90
N LEU A 103 14.56 18.58 11.76
CA LEU A 103 15.89 18.16 12.18
C LEU A 103 16.67 17.58 10.99
N ASP A 104 16.03 16.72 10.21
CA ASP A 104 16.64 16.21 8.99
C ASP A 104 17.02 17.34 8.05
N GLY A 105 16.14 18.34 7.91
CA GLY A 105 16.49 19.56 7.21
C GLY A 105 16.61 19.46 5.70
N THR A 106 16.10 18.39 5.10
CA THR A 106 16.12 18.23 3.65
C THR A 106 14.71 17.97 3.15
N GLU A 107 14.51 18.16 1.84
CA GLU A 107 13.18 18.00 1.27
C GLU A 107 12.77 16.54 1.19
N ASN A 108 13.73 15.65 0.93
CA ASN A 108 13.44 14.24 0.65
C ASN A 108 13.89 13.32 1.76
N LYS A 109 14.13 13.88 2.96
CA LYS A 109 14.59 13.12 4.12
C LYS A 109 15.89 12.37 3.81
N SER A 110 16.77 13.00 3.05
CA SER A 110 17.99 12.33 2.60
C SER A 110 19.14 12.42 3.59
N LYS A 111 18.97 13.08 4.74
CA LYS A 111 20.03 13.07 5.74
C LYS A 111 19.93 11.85 6.66
N PHE A 112 18.77 11.64 7.30
CA PHE A 112 18.59 10.46 8.15
C PHE A 112 18.05 9.26 7.40
N GLY A 113 17.35 9.50 6.30
CA GLY A 113 16.64 8.43 5.63
C GLY A 113 15.17 8.45 6.02
N ALA A 114 14.28 8.35 5.03
CA ALA A 114 12.86 8.20 5.33
C ALA A 114 12.59 6.96 6.16
N ASN A 115 13.47 5.93 6.06
CA ASN A 115 13.28 4.72 6.84
C ASN A 115 13.68 4.91 8.30
N ALA A 116 14.65 5.79 8.59
CA ALA A 116 14.90 6.16 9.98
C ALA A 116 13.72 6.96 10.55
N ILE A 117 13.27 7.97 9.82
CA ILE A 117 12.26 8.87 10.35
C ILE A 117 10.92 8.15 10.53
N LEU A 118 10.52 7.32 9.55
CA LEU A 118 9.20 6.72 9.61
C LEU A 118 9.07 5.75 10.79
N GLY A 119 10.11 4.96 11.07
CA GLY A 119 10.02 4.01 12.17
C GLY A 119 9.72 4.69 13.49
N VAL A 120 10.37 5.83 13.75
CA VAL A 120 10.06 6.63 14.93
C VAL A 120 8.64 7.18 14.85
N SER A 121 8.28 7.74 13.69
CA SER A 121 6.97 8.34 13.51
C SER A 121 5.85 7.35 13.86
N LEU A 122 5.97 6.13 13.36
CA LEU A 122 4.96 5.09 13.61
C LEU A 122 4.94 4.68 15.08
N ALA A 123 6.12 4.50 15.69
CA ALA A 123 6.18 4.14 17.10
C ALA A 123 5.62 5.26 17.99
N VAL A 124 5.89 6.52 17.62
CA VAL A 124 5.32 7.67 18.33
C VAL A 124 3.80 7.61 18.33
N ALA A 125 3.22 7.26 17.19
CA ALA A 125 1.76 7.23 17.09
C ALA A 125 1.16 6.18 18.02
N LYS A 126 1.82 5.02 18.13
CA LYS A 126 1.38 4.04 19.10
C LYS A 126 1.50 4.55 20.53
N ALA A 127 2.61 5.22 20.85
CA ALA A 127 2.77 5.77 22.20
C ALA A 127 1.70 6.82 22.50
N GLY A 128 1.35 7.63 21.50
CA GLY A 128 0.34 8.65 21.70
C GLY A 128 -1.04 8.05 21.94
N ALA A 129 -1.36 6.95 21.24
CA ALA A 129 -2.64 6.28 21.47
C ALA A 129 -2.72 5.73 22.89
N ALA A 130 -1.66 5.06 23.34
CA ALA A 130 -1.62 4.55 24.71
C ALA A 130 -1.80 5.68 25.72
N LYS A 131 -1.14 6.82 25.50
CA LYS A 131 -1.31 7.96 26.39
C LYS A 131 -2.77 8.43 26.41
N LYS A 132 -3.39 8.52 25.23
CA LYS A 132 -4.82 8.81 25.16
C LYS A 132 -5.67 7.73 25.79
N GLY A 133 -5.17 6.50 25.86
CA GLY A 133 -6.00 5.41 26.35
C GLY A 133 -6.98 4.87 25.34
N VAL A 134 -6.66 4.95 24.05
CA VAL A 134 -7.54 4.49 22.98
C VAL A 134 -6.72 3.61 22.05
N PRO A 135 -7.39 2.75 21.27
CA PRO A 135 -6.68 1.98 20.24
C PRO A 135 -6.05 2.89 19.19
N LEU A 136 -4.98 2.38 18.58
CA LEU A 136 -4.25 3.16 17.57
C LEU A 136 -5.18 3.75 16.50
N TYR A 137 -6.12 2.93 15.97
CA TYR A 137 -6.99 3.43 14.91
C TYR A 137 -7.89 4.58 15.37
N LYS A 138 -8.25 4.63 16.66
CA LYS A 138 -9.02 5.77 17.14
C LYS A 138 -8.15 7.02 17.22
N HIS A 139 -6.90 6.86 17.66
CA HIS A 139 -5.95 7.98 17.69
C HIS A 139 -5.73 8.53 16.29
N ILE A 140 -5.51 7.63 15.31
CA ILE A 140 -5.32 8.05 13.93
C ILE A 140 -6.55 8.80 13.43
N ALA A 141 -7.75 8.26 13.72
CA ALA A 141 -8.99 8.96 13.37
C ALA A 141 -9.03 10.37 13.95
N ASP A 142 -8.59 10.54 15.21
CA ASP A 142 -8.52 11.88 15.78
C ASP A 142 -7.54 12.75 15.02
N LEU A 143 -6.34 12.23 14.75
CA LEU A 143 -5.34 12.96 13.97
C LEU A 143 -5.88 13.39 12.62
N ALA A 144 -6.88 12.67 12.09
CA ALA A 144 -7.43 12.95 10.77
C ALA A 144 -8.78 13.69 10.82
N GLY A 145 -9.31 13.97 12.01
CA GLY A 145 -10.64 14.55 12.07
C GLY A 145 -11.75 13.65 11.58
N ASN A 146 -11.52 12.33 11.61
CA ASN A 146 -12.52 11.36 11.19
C ASN A 146 -13.45 11.03 12.34
N LYS A 147 -14.75 11.22 12.13
CA LYS A 147 -15.73 11.05 13.20
C LYS A 147 -16.43 9.69 13.18
N GLU A 148 -16.25 8.88 12.13
CA GLU A 148 -16.94 7.60 12.05
C GLU A 148 -16.00 6.54 11.48
N ILE A 149 -15.72 5.52 12.28
CA ILE A 149 -14.86 4.41 11.88
C ILE A 149 -15.64 3.48 10.95
N ILE A 150 -15.07 3.16 9.80
CA ILE A 150 -15.65 2.23 8.85
C ILE A 150 -14.54 1.32 8.31
N LEU A 151 -14.78 0.02 8.35
CA LEU A 151 -13.74 -0.94 7.96
C LEU A 151 -13.66 -1.06 6.44
N PRO A 152 -12.48 -1.41 5.91
CA PRO A 152 -12.27 -1.38 4.46
C PRO A 152 -12.59 -2.69 3.76
N VAL A 153 -12.92 -2.56 2.48
CA VAL A 153 -12.88 -3.73 1.59
C VAL A 153 -11.42 -4.09 1.33
N PRO A 154 -11.01 -5.33 1.56
CA PRO A 154 -9.64 -5.71 1.20
C PRO A 154 -9.53 -5.97 -0.30
N ALA A 155 -8.39 -5.57 -0.87
CA ALA A 155 -8.07 -5.78 -2.29
C ALA A 155 -6.93 -6.80 -2.37
N PHE A 156 -7.27 -8.06 -2.67
CA PHE A 156 -6.35 -9.19 -2.60
C PHE A 156 -5.65 -9.42 -3.95
N ASN A 157 -4.33 -9.31 -3.96
CA ASN A 157 -3.53 -9.77 -5.09
C ASN A 157 -3.84 -11.24 -5.40
N VAL A 158 -4.13 -11.55 -6.68
CA VAL A 158 -4.32 -12.96 -7.02
C VAL A 158 -3.46 -13.39 -8.22
N ILE A 159 -3.28 -12.51 -9.19
CA ILE A 159 -2.57 -12.85 -10.43
C ILE A 159 -1.56 -11.75 -10.71
N ASN A 160 -0.38 -12.14 -11.18
CA ASN A 160 0.72 -11.21 -11.37
C ASN A 160 1.32 -11.36 -12.76
N GLY A 161 1.79 -10.25 -13.30
CA GLY A 161 2.38 -10.21 -14.63
C GLY A 161 3.34 -9.07 -14.70
N GLY A 162 3.46 -8.48 -15.88
CA GLY A 162 4.38 -7.36 -15.97
C GLY A 162 5.82 -7.81 -15.75
N SER A 163 6.63 -6.88 -15.28
CA SER A 163 8.03 -7.19 -15.05
C SER A 163 8.23 -8.12 -13.86
N HIS A 164 7.17 -8.50 -13.17
CA HIS A 164 7.23 -9.31 -11.96
C HIS A 164 6.96 -10.79 -12.23
N ALA A 165 6.93 -11.21 -13.49
CA ALA A 165 6.69 -12.62 -13.82
C ALA A 165 7.20 -12.89 -15.22
N GLY A 166 7.56 -14.15 -15.47
CA GLY A 166 8.03 -14.56 -16.76
C GLY A 166 6.94 -14.86 -17.77
N ASN A 167 5.68 -14.61 -17.43
CA ASN A 167 4.60 -14.88 -18.36
C ASN A 167 4.57 -13.80 -19.46
N LYS A 168 3.67 -13.96 -20.43
CA LYS A 168 3.46 -12.94 -21.45
C LYS A 168 2.65 -11.76 -20.93
N LEU A 169 1.85 -11.98 -19.88
CA LEU A 169 1.01 -10.97 -19.25
C LEU A 169 1.74 -9.64 -19.04
N ALA A 170 1.25 -8.58 -19.69
CA ALA A 170 1.88 -7.27 -19.55
C ALA A 170 1.47 -6.57 -18.25
N MET A 171 0.19 -6.61 -17.89
CA MET A 171 -0.26 -5.85 -16.73
C MET A 171 0.26 -6.49 -15.44
N GLN A 172 0.58 -5.64 -14.46
CA GLN A 172 1.40 -6.08 -13.35
C GLN A 172 0.64 -6.91 -12.31
N GLU A 173 -0.53 -6.50 -11.96
CA GLU A 173 -1.32 -7.20 -10.99
C GLU A 173 -2.86 -7.15 -11.08
N PHE A 174 -3.50 -8.24 -10.69
CA PHE A 174 -4.94 -8.33 -10.70
C PHE A 174 -5.38 -8.64 -9.28
N MET A 175 -6.42 -7.97 -8.82
CA MET A 175 -6.88 -8.08 -7.43
C MET A 175 -8.36 -8.40 -7.40
N ILE A 176 -8.80 -9.07 -6.33
CA ILE A 176 -10.22 -9.30 -6.09
C ILE A 176 -10.66 -8.47 -4.90
N LEU A 177 -11.83 -7.84 -5.00
CA LEU A 177 -12.40 -7.03 -3.93
C LEU A 177 -13.78 -7.55 -3.58
N PRO A 178 -13.98 -8.13 -2.39
CA PRO A 178 -15.32 -8.61 -1.98
C PRO A 178 -16.22 -7.46 -1.55
N THR A 179 -16.55 -6.59 -2.51
CA THR A 179 -17.41 -5.46 -2.22
C THR A 179 -18.82 -5.89 -1.85
N GLY A 180 -19.22 -7.11 -2.20
CA GLY A 180 -20.53 -7.63 -1.85
C GLY A 180 -20.63 -8.28 -0.49
N ALA A 181 -19.52 -8.44 0.21
CA ALA A 181 -19.56 -8.92 1.59
C ALA A 181 -20.29 -7.92 2.49
N THR A 182 -20.87 -8.44 3.58
CA THR A 182 -21.58 -7.62 4.56
C THR A 182 -20.75 -7.34 5.81
N SER A 183 -19.53 -7.85 5.88
CA SER A 183 -18.65 -7.58 7.02
C SER A 183 -17.22 -7.87 6.61
N PHE A 184 -16.26 -7.33 7.38
CA PHE A 184 -14.87 -7.63 7.10
C PHE A 184 -14.58 -9.11 7.29
N THR A 185 -15.17 -9.73 8.31
CA THR A 185 -15.03 -11.18 8.50
C THR A 185 -15.48 -11.94 7.25
N GLU A 186 -16.63 -11.57 6.70
CA GLU A 186 -17.11 -12.25 5.51
C GLU A 186 -16.24 -11.92 4.30
N ALA A 187 -15.72 -10.69 4.22
CA ALA A 187 -14.82 -10.35 3.12
C ALA A 187 -13.57 -11.22 3.15
N MET A 188 -13.03 -11.47 4.35
CA MET A 188 -11.85 -12.34 4.44
C MET A 188 -12.20 -13.77 4.04
N LYS A 189 -13.33 -14.28 4.51
CA LYS A 189 -13.75 -15.62 4.11
C LYS A 189 -13.87 -15.71 2.58
N MET A 190 -14.54 -14.74 1.96
CA MET A 190 -14.73 -14.75 0.51
C MET A 190 -13.39 -14.69 -0.22
N GLY A 191 -12.51 -13.80 0.22
CA GLY A 191 -11.21 -13.69 -0.45
C GLY A 191 -10.40 -14.96 -0.33
N SER A 192 -10.37 -15.56 0.86
N SER A 192 -10.37 -15.56 0.86
CA SER A 192 -9.60 -16.78 1.04
CA SER A 192 -9.60 -16.79 1.05
C SER A 192 -10.20 -17.95 0.28
C SER A 192 -10.20 -17.95 0.26
N GLU A 193 -11.54 -18.05 0.23
CA GLU A 193 -12.17 -19.12 -0.52
C GLU A 193 -11.93 -18.97 -2.02
N VAL A 194 -12.04 -17.75 -2.55
CA VAL A 194 -11.79 -17.54 -3.98
C VAL A 194 -10.32 -17.82 -4.29
N TYR A 195 -9.42 -17.36 -3.42
CA TYR A 195 -7.98 -17.60 -3.58
C TYR A 195 -7.68 -19.09 -3.69
N HIS A 196 -8.29 -19.90 -2.84
CA HIS A 196 -8.02 -21.33 -2.89
C HIS A 196 -8.67 -21.98 -4.10
N HIS A 197 -9.82 -21.46 -4.55
CA HIS A 197 -10.40 -21.96 -5.77
C HIS A 197 -9.52 -21.62 -6.97
N LEU A 198 -8.97 -20.41 -6.98
CA LEU A 198 -8.06 -20.02 -8.04
C LEU A 198 -6.85 -20.93 -8.08
N LYS A 199 -6.31 -21.25 -6.91
CA LYS A 199 -5.19 -22.17 -6.83
C LYS A 199 -5.53 -23.51 -7.47
N ASN A 200 -6.72 -24.05 -7.14
CA ASN A 200 -7.17 -25.30 -7.73
C ASN A 200 -7.29 -25.20 -9.24
N VAL A 201 -7.86 -24.10 -9.75
CA VAL A 201 -7.99 -23.94 -11.20
C VAL A 201 -6.62 -23.88 -11.85
N ILE A 202 -5.69 -23.12 -11.26
CA ILE A 202 -4.35 -22.99 -11.84
C ILE A 202 -3.64 -24.33 -11.84
N LYS A 203 -3.74 -25.07 -10.74
CA LYS A 203 -3.13 -26.40 -10.68
C LYS A 203 -3.68 -27.29 -11.78
N ALA A 204 -4.99 -27.24 -12.03
CA ALA A 204 -5.58 -28.12 -13.02
C ALA A 204 -5.13 -27.73 -14.42
N LYS A 205 -5.07 -26.43 -14.71
CA LYS A 205 -4.77 -25.97 -16.07
C LYS A 205 -3.27 -25.92 -16.32
N PHE A 206 -2.48 -25.48 -15.34
CA PHE A 206 -1.06 -25.23 -15.54
C PHE A 206 -0.13 -26.19 -14.80
N GLY A 207 -0.62 -26.97 -13.85
CA GLY A 207 0.23 -27.88 -13.10
C GLY A 207 0.50 -27.39 -11.69
N LEU A 208 0.97 -28.31 -10.83
CA LEU A 208 1.16 -27.99 -9.42
C LEU A 208 2.23 -26.93 -9.22
N ASP A 209 3.29 -26.96 -10.02
CA ASP A 209 4.36 -25.99 -9.83
C ASP A 209 3.93 -24.58 -10.20
N ALA A 210 2.87 -24.44 -10.99
CA ALA A 210 2.33 -23.13 -11.30
C ALA A 210 1.64 -22.46 -10.11
N THR A 211 1.56 -23.10 -8.96
CA THR A 211 0.90 -22.51 -7.80
C THR A 211 1.86 -21.97 -6.76
N ALA A 212 3.17 -21.94 -7.04
CA ALA A 212 4.10 -21.21 -6.19
C ALA A 212 3.75 -19.73 -6.23
N VAL A 213 4.14 -18.97 -5.19
CA VAL A 213 3.66 -17.60 -5.05
C VAL A 213 4.79 -16.59 -5.23
N GLY A 214 4.41 -15.37 -5.61
CA GLY A 214 5.30 -14.25 -5.66
C GLY A 214 5.35 -13.47 -4.35
N ASP A 215 5.93 -12.28 -4.42
CA ASP A 215 6.20 -11.49 -3.21
C ASP A 215 4.94 -11.19 -2.42
N GLU A 216 3.82 -10.96 -3.09
N GLU A 216 3.82 -10.96 -3.11
CA GLU A 216 2.60 -10.60 -2.38
CA GLU A 216 2.54 -10.60 -2.52
C GLU A 216 1.64 -11.79 -2.21
C GLU A 216 1.74 -11.80 -2.05
N GLY A 217 2.13 -13.01 -2.44
CA GLY A 217 1.36 -14.20 -2.11
C GLY A 217 0.43 -14.69 -3.18
N GLY A 218 0.39 -14.03 -4.34
CA GLY A 218 -0.44 -14.44 -5.45
C GLY A 218 0.33 -15.30 -6.44
N PHE A 219 -0.33 -15.60 -7.56
CA PHE A 219 0.18 -16.54 -8.53
C PHE A 219 0.58 -15.83 -9.81
N ALA A 220 1.51 -16.46 -10.55
CA ALA A 220 1.96 -15.96 -11.85
C ALA A 220 2.13 -17.11 -12.82
N PRO A 221 1.03 -17.77 -13.20
CA PRO A 221 1.13 -18.83 -14.19
C PRO A 221 1.42 -18.23 -15.57
N ASN A 222 1.72 -19.12 -16.51
CA ASN A 222 2.18 -18.72 -17.85
C ASN A 222 0.98 -18.26 -18.69
N ILE A 223 0.37 -17.16 -18.25
CA ILE A 223 -0.79 -16.57 -18.92
C ILE A 223 -0.32 -15.77 -20.12
N GLN A 224 -1.06 -15.86 -21.23
CA GLN A 224 -0.66 -15.21 -22.47
C GLN A 224 -1.20 -13.78 -22.59
N SER A 225 -2.44 -13.53 -22.15
CA SER A 225 -3.08 -12.25 -22.35
C SER A 225 -3.72 -11.75 -21.06
N ASN A 226 -3.95 -10.44 -21.00
CA ASN A 226 -4.68 -9.88 -19.87
C ASN A 226 -6.11 -10.38 -19.84
N LYS A 227 -6.72 -10.59 -21.00
CA LYS A 227 -8.07 -11.15 -21.05
C LYS A 227 -8.09 -12.53 -20.41
N GLU A 228 -7.08 -13.35 -20.69
CA GLU A 228 -7.03 -14.68 -20.09
C GLU A 228 -6.95 -14.59 -18.56
N ALA A 229 -6.17 -13.63 -18.03
CA ALA A 229 -6.08 -13.47 -16.58
C ALA A 229 -7.43 -13.11 -15.97
N LEU A 230 -8.16 -12.21 -16.63
CA LEU A 230 -9.49 -11.85 -16.14
C LEU A 230 -10.44 -13.02 -16.22
N ASN A 231 -10.37 -13.79 -17.31
CA ASN A 231 -11.17 -15.01 -17.43
C ASN A 231 -10.85 -15.99 -16.30
N LEU A 232 -9.57 -16.14 -15.97
CA LEU A 232 -9.17 -17.07 -14.93
C LEU A 232 -9.76 -16.65 -13.59
N ILE A 233 -9.69 -15.37 -13.28
CA ILE A 233 -10.24 -14.86 -12.03
C ILE A 233 -11.76 -15.03 -12.02
N SER A 234 -12.42 -14.74 -13.15
CA SER A 234 -13.86 -14.90 -13.22
C SER A 234 -14.28 -16.35 -13.00
N ASP A 235 -13.52 -17.29 -13.58
CA ASP A 235 -13.81 -18.70 -13.37
C ASP A 235 -13.68 -19.09 -11.91
N ALA A 236 -12.64 -18.57 -11.24
CA ALA A 236 -12.43 -18.88 -9.82
C ALA A 236 -13.53 -18.30 -8.95
N ILE A 237 -13.95 -17.06 -9.23
CA ILE A 237 -15.09 -16.45 -8.53
C ILE A 237 -16.34 -17.29 -8.72
N ALA A 238 -16.58 -17.77 -9.96
CA ALA A 238 -17.76 -18.57 -10.23
C ALA A 238 -17.70 -19.92 -9.52
N LYS A 239 -16.55 -20.60 -9.59
CA LYS A 239 -16.42 -21.86 -8.86
C LYS A 239 -16.56 -21.65 -7.36
N ALA A 240 -16.13 -20.50 -6.83
CA ALA A 240 -16.26 -20.27 -5.40
C ALA A 240 -17.69 -19.96 -4.98
N GLY A 241 -18.55 -19.58 -5.93
CA GLY A 241 -19.93 -19.28 -5.63
C GLY A 241 -20.23 -17.82 -5.32
N TYR A 242 -19.38 -16.87 -5.73
CA TYR A 242 -19.53 -15.48 -5.31
C TYR A 242 -19.65 -14.51 -6.49
N THR A 243 -20.04 -15.00 -7.66
CA THR A 243 -20.26 -14.13 -8.80
C THR A 243 -21.27 -13.05 -8.44
N GLY A 244 -20.93 -11.80 -8.71
CA GLY A 244 -21.78 -10.69 -8.33
C GLY A 244 -21.47 -10.08 -6.98
N LYS A 245 -20.68 -10.73 -6.14
CA LYS A 245 -20.23 -10.15 -4.89
C LYS A 245 -18.75 -9.86 -4.87
N ILE A 246 -18.01 -10.24 -5.90
CA ILE A 246 -16.58 -10.00 -6.01
C ILE A 246 -16.35 -9.09 -7.20
N GLU A 247 -15.58 -8.03 -7.00
CA GLU A 247 -15.21 -7.17 -8.10
C GLU A 247 -13.69 -7.19 -8.27
N ILE A 248 -13.22 -6.60 -9.36
CA ILE A 248 -11.85 -6.79 -9.80
C ILE A 248 -11.15 -5.43 -9.85
N GLY A 249 -9.92 -5.41 -9.35
CA GLY A 249 -9.05 -4.26 -9.50
C GLY A 249 -7.82 -4.64 -10.29
N MET A 250 -7.27 -3.66 -10.99
CA MET A 250 -6.05 -3.86 -11.75
C MET A 250 -5.01 -2.83 -11.35
N ASP A 251 -3.76 -3.24 -11.39
CA ASP A 251 -2.63 -2.31 -11.32
C ASP A 251 -1.79 -2.57 -12.55
N VAL A 252 -1.85 -1.63 -13.50
CA VAL A 252 -1.23 -1.87 -14.81
C VAL A 252 0.27 -1.63 -14.76
N ALA A 253 0.72 -0.68 -13.94
CA ALA A 253 2.13 -0.23 -13.93
C ALA A 253 2.60 0.06 -15.35
N ALA A 254 1.82 0.91 -16.04
CA ALA A 254 2.03 1.14 -17.46
C ALA A 254 3.34 1.86 -17.76
N SER A 255 3.94 2.54 -16.77
CA SER A 255 5.25 3.14 -17.01
C SER A 255 6.25 2.11 -17.52
N GLU A 256 6.09 0.85 -17.11
CA GLU A 256 7.07 -0.18 -17.41
C GLU A 256 7.02 -0.65 -18.86
N PHE A 257 5.97 -0.33 -19.62
CA PHE A 257 5.96 -0.64 -21.04
C PHE A 257 5.64 0.59 -21.88
N TYR A 258 5.97 1.77 -21.37
CA TYR A 258 5.88 3.02 -22.12
C TYR A 258 7.16 3.18 -22.93
N LYS A 259 7.05 3.08 -24.25
CA LYS A 259 8.21 3.12 -25.14
C LYS A 259 7.87 3.96 -26.36
N ASP A 260 8.65 5.01 -26.59
CA ASP A 260 8.49 5.87 -27.78
C ASP A 260 7.07 6.42 -27.87
N GLY A 261 6.57 6.93 -26.74
CA GLY A 261 5.26 7.54 -26.68
C GLY A 261 4.08 6.60 -26.85
N GLN A 262 4.32 5.30 -26.95
CA GLN A 262 3.26 4.30 -27.05
C GLN A 262 3.42 3.29 -25.92
N TYR A 263 2.57 2.26 -25.94
CA TYR A 263 2.57 1.23 -24.91
C TYR A 263 2.67 -0.13 -25.58
N ASP A 264 3.60 -0.95 -25.09
CA ASP A 264 3.93 -2.24 -25.69
C ASP A 264 3.40 -3.33 -24.75
N LEU A 265 2.25 -3.89 -25.10
CA LEU A 265 1.65 -4.93 -24.28
C LEU A 265 2.35 -6.29 -24.41
N ASP A 266 3.41 -6.38 -25.23
CA ASP A 266 4.21 -7.58 -25.35
C ASP A 266 5.68 -7.28 -25.04
N PHE A 267 5.91 -6.43 -24.02
CA PHE A 267 7.24 -5.88 -23.78
C PHE A 267 8.21 -6.89 -23.20
N LYS A 268 7.74 -8.09 -22.84
CA LYS A 268 8.64 -9.13 -22.36
C LYS A 268 9.12 -10.04 -23.48
N ASN A 269 8.52 -9.94 -24.66
CA ASN A 269 9.00 -10.62 -25.86
C ASN A 269 9.94 -9.67 -26.59
N GLU A 270 11.22 -10.04 -26.68
CA GLU A 270 12.20 -9.14 -27.28
C GLU A 270 11.94 -8.92 -28.75
N LYS A 271 11.22 -9.82 -29.42
CA LYS A 271 10.81 -9.66 -30.81
C LYS A 271 9.41 -9.08 -30.92
N SER A 272 9.07 -8.12 -30.06
CA SER A 272 7.72 -7.59 -30.01
C SER A 272 7.36 -6.85 -31.29
N ASP A 273 6.12 -7.06 -31.75
CA ASP A 273 5.61 -6.45 -32.98
C ASP A 273 5.32 -4.97 -32.71
N LYS A 274 6.24 -4.09 -33.16
CA LYS A 274 6.11 -2.67 -32.88
C LYS A 274 4.86 -2.05 -33.51
N SER A 275 4.30 -2.69 -34.54
CA SER A 275 3.04 -2.20 -35.11
C SER A 275 1.85 -2.51 -34.22
N GLN A 276 2.00 -3.39 -33.23
CA GLN A 276 0.93 -3.71 -32.31
C GLN A 276 0.94 -2.83 -31.06
N TRP A 277 1.90 -1.92 -30.94
CA TRP A 277 1.96 -1.04 -29.79
C TRP A 277 0.77 -0.09 -29.78
N LEU A 278 0.29 0.23 -28.60
CA LEU A 278 -0.94 1.00 -28.51
C LEU A 278 -0.67 2.44 -28.12
N PRO A 279 -1.18 3.40 -28.90
CA PRO A 279 -1.25 4.78 -28.40
C PRO A 279 -2.17 4.85 -27.19
N ALA A 280 -2.02 5.92 -26.42
CA ALA A 280 -2.78 6.05 -25.17
C ALA A 280 -4.28 5.96 -25.43
N ASP A 281 -4.76 6.52 -26.54
CA ASP A 281 -6.18 6.43 -26.87
C ASP A 281 -6.60 4.98 -27.10
N LYS A 282 -5.80 4.22 -27.83
CA LYS A 282 -6.14 2.81 -28.07
C LYS A 282 -6.06 2.00 -26.78
N LEU A 283 -5.08 2.30 -25.93
CA LEU A 283 -4.97 1.60 -24.65
C LEU A 283 -6.18 1.90 -23.76
N ALA A 284 -6.62 3.17 -23.76
CA ALA A 284 -7.81 3.53 -23.01
C ALA A 284 -9.03 2.76 -23.52
N ASN A 285 -9.10 2.52 -24.83
CA ASN A 285 -10.20 1.72 -25.39
C ASN A 285 -10.14 0.29 -24.88
N LEU A 286 -8.93 -0.29 -24.80
CA LEU A 286 -8.82 -1.65 -24.29
C LEU A 286 -9.31 -1.74 -22.85
N TYR A 287 -8.95 -0.75 -22.01
CA TYR A 287 -9.44 -0.75 -20.63
C TYR A 287 -10.96 -0.71 -20.59
N GLN A 288 -11.55 0.12 -21.43
CA GLN A 288 -12.97 0.30 -21.50
C GLN A 288 -13.63 -0.99 -21.95
N GLU A 289 -13.00 -1.71 -22.83
CA GLU A 289 -13.50 -3.02 -23.25
C GLU A 289 -13.47 -4.02 -22.09
N PHE A 290 -12.41 -4.01 -21.29
CA PHE A 290 -12.37 -4.89 -20.13
C PHE A 290 -13.42 -4.51 -19.10
N ILE A 291 -13.66 -3.20 -18.94
CA ILE A 291 -14.68 -2.73 -17.99
C ILE A 291 -16.08 -3.17 -18.41
N LYS A 292 -16.34 -3.24 -19.71
CA LYS A 292 -17.65 -3.70 -20.16
C LYS A 292 -17.82 -5.20 -19.96
N ASP A 293 -16.73 -5.96 -20.05
CA ASP A 293 -16.82 -7.41 -20.03
C ASP A 293 -16.62 -8.02 -18.67
N PHE A 294 -16.04 -7.29 -17.71
CA PHE A 294 -15.68 -7.83 -16.41
C PHE A 294 -16.07 -6.83 -15.33
N PRO A 295 -16.35 -7.29 -14.12
CA PRO A 295 -16.68 -6.36 -13.03
C PRO A 295 -15.47 -5.59 -12.50
N ILE A 296 -14.81 -4.84 -13.37
CA ILE A 296 -13.61 -4.11 -12.98
C ILE A 296 -14.04 -2.77 -12.40
N VAL A 297 -13.61 -2.50 -11.16
CA VAL A 297 -14.01 -1.28 -10.46
C VAL A 297 -12.84 -0.34 -10.19
N SER A 298 -11.61 -0.76 -10.43
CA SER A 298 -10.46 0.06 -10.09
C SER A 298 -9.29 -0.30 -11.00
N ILE A 299 -8.64 0.71 -11.55
CA ILE A 299 -7.45 0.52 -12.36
C ILE A 299 -6.36 1.49 -11.88
N GLU A 300 -5.21 0.93 -11.51
CA GLU A 300 -4.11 1.71 -10.96
C GLU A 300 -3.01 1.85 -12.03
N ASP A 301 -2.42 3.04 -12.10
CA ASP A 301 -1.39 3.40 -13.06
C ASP A 301 -1.72 2.92 -14.48
N PRO A 302 -2.85 3.34 -15.05
CA PRO A 302 -3.17 2.92 -16.43
C PRO A 302 -2.24 3.51 -17.48
N PHE A 303 -1.49 4.57 -17.16
CA PHE A 303 -0.59 5.18 -18.12
C PHE A 303 0.72 5.51 -17.41
N ASP A 304 1.68 5.98 -18.20
CA ASP A 304 2.98 6.37 -17.68
C ASP A 304 2.84 7.44 -16.60
N GLN A 305 3.77 7.41 -15.64
CA GLN A 305 3.74 8.28 -14.47
C GLN A 305 3.83 9.77 -14.80
N ASP A 306 4.12 10.14 -16.05
CA ASP A 306 4.10 11.54 -16.45
C ASP A 306 3.21 11.81 -17.65
N HIS A 307 2.32 10.88 -18.00
CA HIS A 307 1.47 11.02 -19.18
C HIS A 307 0.13 11.66 -18.80
N TRP A 308 0.22 12.91 -18.33
CA TRP A 308 -0.92 13.57 -17.68
C TRP A 308 -2.15 13.59 -18.58
N GLU A 309 -1.96 13.85 -19.87
CA GLU A 309 -3.09 13.92 -20.80
C GLU A 309 -3.88 12.62 -20.83
N ALA A 310 -3.19 11.49 -20.94
CA ALA A 310 -3.87 10.20 -21.03
C ALA A 310 -4.63 9.90 -19.74
N TRP A 311 -4.02 10.20 -18.59
CA TRP A 311 -4.70 10.05 -17.32
C TRP A 311 -5.97 10.89 -17.28
N SER A 312 -5.86 12.19 -17.56
CA SER A 312 -7.01 13.07 -17.52
C SER A 312 -8.11 12.60 -18.47
N ASN A 313 -7.72 12.17 -19.67
CA ASN A 313 -8.72 11.67 -20.63
C ASN A 313 -9.48 10.47 -20.06
N LEU A 314 -8.74 9.46 -19.58
CA LEU A 314 -9.40 8.24 -19.11
C LEU A 314 -10.27 8.50 -17.89
N THR A 315 -9.75 9.26 -16.91
CA THR A 315 -10.51 9.55 -15.70
C THR A 315 -11.79 10.31 -16.04
N GLY A 316 -11.76 11.10 -17.11
CA GLY A 316 -12.95 11.79 -17.56
C GLY A 316 -13.98 10.93 -18.29
N CYS A 317 -13.54 9.96 -19.13
CA CYS A 317 -14.53 9.11 -19.81
C CYS A 317 -15.17 8.11 -18.86
N THR A 318 -14.35 7.45 -18.04
CA THR A 318 -14.85 6.33 -17.24
C THR A 318 -15.51 6.82 -15.96
N ASP A 319 -16.27 5.92 -15.33
CA ASP A 319 -16.85 6.15 -14.01
C ASP A 319 -16.27 5.24 -12.92
N ILE A 320 -15.30 4.40 -13.25
CA ILE A 320 -14.68 3.55 -12.23
C ILE A 320 -13.57 4.32 -11.54
N GLN A 321 -12.90 3.67 -10.58
CA GLN A 321 -11.82 4.30 -9.84
C GLN A 321 -10.51 4.21 -10.61
N ILE A 322 -9.79 5.33 -10.66
CA ILE A 322 -8.48 5.43 -11.30
C ILE A 322 -7.46 5.85 -10.24
N VAL A 323 -6.49 4.98 -9.95
CA VAL A 323 -5.61 5.11 -8.80
C VAL A 323 -4.25 5.62 -9.24
N GLY A 324 -3.77 6.70 -8.63
CA GLY A 324 -2.38 7.11 -8.83
C GLY A 324 -1.45 6.38 -7.89
N ASP A 325 -0.38 5.79 -8.45
CA ASP A 325 0.70 5.25 -7.63
C ASP A 325 2.05 5.83 -8.07
N ASP A 326 2.59 5.35 -9.20
CA ASP A 326 3.76 6.00 -9.76
C ASP A 326 3.47 7.42 -10.18
N LEU A 327 2.20 7.76 -10.37
CA LEU A 327 1.84 9.12 -10.74
C LEU A 327 2.00 10.09 -9.58
N THR A 328 1.53 9.69 -8.40
CA THR A 328 1.44 10.58 -7.25
C THR A 328 2.49 10.33 -6.19
N VAL A 329 2.91 9.08 -6.01
CA VAL A 329 4.05 8.70 -5.17
C VAL A 329 3.89 9.26 -3.76
N THR A 330 2.64 9.26 -3.26
CA THR A 330 2.30 9.80 -1.94
C THR A 330 2.95 11.16 -1.71
N ASN A 331 3.03 11.96 -2.76
CA ASN A 331 3.76 13.22 -2.76
C ASN A 331 2.83 14.40 -3.02
N PRO A 332 2.67 15.31 -2.06
CA PRO A 332 1.62 16.35 -2.21
C PRO A 332 1.82 17.26 -3.41
N LYS A 333 3.06 17.49 -3.83
CA LYS A 333 3.28 18.30 -5.02
C LYS A 333 2.73 17.59 -6.25
N ARG A 334 2.98 16.29 -6.37
CA ARG A 334 2.38 15.52 -7.45
C ARG A 334 0.88 15.42 -7.28
N ILE A 335 0.39 15.28 -6.05
CA ILE A 335 -1.05 15.15 -5.84
C ILE A 335 -1.76 16.43 -6.25
N ALA A 336 -1.19 17.58 -5.87
CA ALA A 336 -1.76 18.86 -6.29
C ALA A 336 -1.82 18.96 -7.81
N THR A 337 -0.77 18.51 -8.49
CA THR A 337 -0.80 18.53 -9.95
C THR A 337 -1.89 17.61 -10.49
N ALA A 338 -2.00 16.40 -9.93
CA ALA A 338 -3.03 15.46 -10.36
C ALA A 338 -4.42 16.02 -10.08
N VAL A 339 -4.59 16.69 -8.96
CA VAL A 339 -5.90 17.28 -8.64
C VAL A 339 -6.26 18.33 -9.69
N GLU A 340 -5.36 19.29 -9.93
CA GLU A 340 -5.61 20.34 -10.92
C GLU A 340 -5.96 19.77 -12.28
N LYS A 341 -5.24 18.72 -12.70
CA LYS A 341 -5.44 18.12 -14.02
C LYS A 341 -6.56 17.10 -14.04
N LYS A 342 -7.15 16.77 -12.89
CA LYS A 342 -8.16 15.71 -12.79
C LYS A 342 -7.63 14.41 -13.40
N ALA A 343 -6.37 14.09 -13.09
CA ALA A 343 -5.70 12.96 -13.72
C ALA A 343 -6.15 11.62 -13.14
N CYS A 344 -6.59 11.58 -11.88
CA CYS A 344 -7.03 10.34 -11.27
C CYS A 344 -8.05 10.69 -10.20
N ASN A 345 -8.64 9.68 -9.57
CA ASN A 345 -9.62 9.95 -8.53
C ASN A 345 -9.41 9.09 -7.29
N CYS A 346 -8.23 8.50 -7.14
CA CYS A 346 -7.91 7.75 -5.94
C CYS A 346 -6.41 7.82 -5.70
N LEU A 347 -6.02 8.04 -4.45
CA LEU A 347 -4.63 8.09 -4.04
C LEU A 347 -4.22 6.75 -3.44
N LEU A 348 -3.16 6.14 -3.99
CA LEU A 348 -2.51 5.03 -3.29
C LEU A 348 -1.65 5.61 -2.18
N LEU A 349 -1.88 5.17 -0.94
CA LEU A 349 -1.18 5.71 0.23
C LEU A 349 -0.09 4.74 0.67
N LYS A 350 1.17 5.11 0.43
CA LYS A 350 2.33 4.33 0.88
C LYS A 350 3.10 5.20 1.86
N VAL A 351 2.92 4.96 3.18
CA VAL A 351 3.48 5.88 4.17
C VAL A 351 5.00 6.03 4.02
N ASN A 352 5.69 4.96 3.63
CA ASN A 352 7.14 5.09 3.57
C ASN A 352 7.59 5.83 2.31
N GLN A 353 6.68 6.17 1.39
CA GLN A 353 7.05 7.04 0.28
C GLN A 353 7.18 8.49 0.68
N ILE A 354 6.54 8.91 1.78
CA ILE A 354 6.62 10.29 2.27
C ILE A 354 7.33 10.37 3.61
N GLY A 355 7.11 9.40 4.51
CA GLY A 355 8.02 9.19 5.61
C GLY A 355 7.56 9.61 7.01
N THR A 356 6.39 10.22 7.18
CA THR A 356 5.84 10.42 8.51
C THR A 356 4.35 10.10 8.49
N VAL A 357 3.82 9.77 9.68
CA VAL A 357 2.37 9.65 9.83
C VAL A 357 1.67 10.95 9.46
N THR A 358 2.20 12.09 9.95
CA THR A 358 1.54 13.37 9.75
C THR A 358 1.43 13.71 8.27
N GLU A 359 2.54 13.57 7.52
CA GLU A 359 2.47 13.87 6.09
C GLU A 359 1.58 12.88 5.34
N SER A 360 1.55 11.61 5.77
CA SER A 360 0.67 10.63 5.14
C SER A 360 -0.79 11.01 5.30
N ILE A 361 -1.17 11.41 6.52
CA ILE A 361 -2.54 11.84 6.76
C ILE A 361 -2.86 13.09 5.95
N ALA A 362 -1.93 14.04 5.90
CA ALA A 362 -2.14 15.25 5.09
C ALA A 362 -2.36 14.90 3.62
N ALA A 363 -1.55 14.00 3.08
CA ALA A 363 -1.73 13.61 1.69
C ALA A 363 -3.10 12.97 1.48
N HIS A 364 -3.52 12.09 2.38
CA HIS A 364 -4.86 11.52 2.33
C HIS A 364 -5.93 12.61 2.38
N LEU A 365 -5.82 13.55 3.33
CA LEU A 365 -6.86 14.58 3.46
C LEU A 365 -6.88 15.50 2.25
N LEU A 366 -5.72 15.74 1.62
CA LEU A 366 -5.68 16.52 0.39
C LEU A 366 -6.48 15.83 -0.73
N ALA A 367 -6.23 14.53 -0.90
CA ALA A 367 -7.02 13.74 -1.85
C ALA A 367 -8.50 13.76 -1.51
N LYS A 368 -8.83 13.50 -0.25
CA LYS A 368 -10.22 13.44 0.17
C LYS A 368 -10.94 14.77 -0.06
N LYS A 369 -10.30 15.90 0.29
CA LYS A 369 -10.92 17.20 0.11
C LYS A 369 -11.25 17.47 -1.36
N ASN A 370 -10.55 16.83 -2.29
CA ASN A 370 -10.80 17.02 -3.71
C ASN A 370 -11.65 15.91 -4.30
N GLY A 371 -12.32 15.12 -3.46
CA GLY A 371 -13.24 14.12 -3.92
C GLY A 371 -12.64 12.78 -4.27
N TRP A 372 -11.34 12.59 -4.07
CA TRP A 372 -10.72 11.30 -4.37
C TRP A 372 -10.98 10.30 -3.25
N GLY A 373 -10.88 9.02 -3.61
CA GLY A 373 -10.71 7.97 -2.62
C GLY A 373 -9.24 7.80 -2.24
N THR A 374 -9.02 6.92 -1.26
CA THR A 374 -7.68 6.57 -0.82
C THR A 374 -7.61 5.06 -0.61
N MET A 375 -6.63 4.43 -1.23
CA MET A 375 -6.38 3.01 -1.02
C MET A 375 -5.05 2.88 -0.28
N VAL A 376 -5.11 2.44 0.97
CA VAL A 376 -3.88 2.18 1.73
C VAL A 376 -3.16 0.98 1.13
N SER A 377 -1.83 1.03 1.12
CA SER A 377 -1.06 0.04 0.39
C SER A 377 0.14 -0.47 1.19
N HIS A 378 0.38 -1.77 1.08
CA HIS A 378 1.65 -2.36 1.48
C HIS A 378 2.76 -1.95 0.50
N ARG A 379 3.98 -2.39 0.82
CA ARG A 379 5.06 -2.47 -0.16
C ARG A 379 5.37 -3.93 -0.44
N SER A 380 6.15 -4.16 -1.51
CA SER A 380 6.49 -5.53 -1.87
C SER A 380 7.37 -6.18 -0.80
N GLY A 381 8.25 -5.39 -0.18
CA GLY A 381 9.00 -5.87 0.97
C GLY A 381 8.29 -5.46 2.25
N GLU A 382 7.58 -6.39 2.88
CA GLU A 382 6.82 -6.08 4.09
C GLU A 382 7.44 -6.73 5.31
N THR A 383 6.83 -6.49 6.46
CA THR A 383 7.26 -7.12 7.71
C THR A 383 6.02 -7.62 8.43
N GLU A 384 6.25 -8.26 9.58
CA GLU A 384 5.15 -8.63 10.48
C GLU A 384 4.43 -7.42 11.08
N ASP A 385 4.90 -6.20 10.84
CA ASP A 385 4.20 -5.00 11.28
C ASP A 385 2.78 -4.93 10.72
N SER A 386 1.82 -4.44 11.53
CA SER A 386 0.43 -4.31 11.10
C SER A 386 -0.11 -2.88 11.15
N PHE A 387 0.75 -1.86 11.29
CA PHE A 387 0.31 -0.47 11.42
C PHE A 387 -0.73 -0.08 10.37
N ILE A 388 -0.52 -0.45 9.10
CA ILE A 388 -1.41 0.09 8.07
C ILE A 388 -2.80 -0.52 8.17
N GLY A 389 -2.95 -1.63 8.89
CA GLY A 389 -4.28 -2.06 9.29
C GLY A 389 -5.00 -1.02 10.13
N ASP A 390 -4.36 -0.55 11.20
CA ASP A 390 -4.97 0.51 11.99
C ASP A 390 -5.15 1.79 11.17
N LEU A 391 -4.19 2.07 10.28
CA LEU A 391 -4.25 3.30 9.49
C LEU A 391 -5.47 3.32 8.57
N VAL A 392 -5.72 2.22 7.86
CA VAL A 392 -6.87 2.26 6.95
C VAL A 392 -8.18 2.31 7.72
N VAL A 393 -8.23 1.69 8.91
CA VAL A 393 -9.44 1.77 9.71
C VAL A 393 -9.60 3.19 10.27
N GLY A 394 -8.52 3.76 10.79
CA GLY A 394 -8.58 5.08 11.40
C GLY A 394 -8.93 6.18 10.43
N LEU A 395 -8.45 6.08 9.18
CA LEU A 395 -8.82 7.04 8.15
C LEU A 395 -10.16 6.72 7.50
N SER A 396 -10.68 5.52 7.70
CA SER A 396 -11.93 5.08 7.08
C SER A 396 -11.90 5.28 5.56
N THR A 397 -10.78 4.91 4.94
CA THR A 397 -10.72 5.10 3.49
C THR A 397 -11.58 4.09 2.73
N GLY A 398 -11.90 2.95 3.34
CA GLY A 398 -12.75 1.96 2.72
C GLY A 398 -12.04 0.92 1.88
N GLN A 399 -10.72 0.99 1.75
CA GLN A 399 -10.04 0.08 0.84
C GLN A 399 -8.55 0.01 1.19
N ILE A 400 -8.03 -1.21 1.30
CA ILE A 400 -6.60 -1.41 1.51
C ILE A 400 -6.15 -2.55 0.60
N LYS A 401 -4.99 -2.39 -0.04
CA LYS A 401 -4.38 -3.52 -0.71
C LYS A 401 -3.12 -3.89 0.07
N THR A 402 -3.11 -5.09 0.64
CA THR A 402 -1.93 -5.47 1.40
C THR A 402 -1.64 -6.96 1.24
N GLY A 403 -1.92 -7.51 0.07
CA GLY A 403 -1.48 -8.82 -0.34
C GLY A 403 -2.64 -9.77 -0.63
N ALA A 404 -2.28 -10.87 -1.28
CA ALA A 404 -3.12 -12.07 -1.28
C ALA A 404 -3.37 -12.49 0.17
N PRO A 405 -4.37 -13.35 0.43
CA PRO A 405 -4.49 -13.94 1.78
C PRO A 405 -3.47 -15.06 1.98
N CYS A 406 -2.18 -14.72 1.80
CA CYS A 406 -1.12 -15.71 1.80
C CYS A 406 0.17 -14.96 2.09
N ARG A 407 1.03 -15.56 2.93
CA ARG A 407 2.26 -14.97 3.48
C ARG A 407 1.93 -14.03 4.62
N SER A 408 2.51 -14.28 5.81
CA SER A 408 2.01 -13.58 6.97
C SER A 408 2.42 -12.12 7.04
N GLU A 409 3.36 -11.64 6.20
CA GLU A 409 3.52 -10.19 6.15
C GLU A 409 2.30 -9.54 5.53
N ARG A 410 1.47 -10.33 4.84
CA ARG A 410 0.18 -9.84 4.32
C ARG A 410 -0.94 -10.12 5.32
N LEU A 411 -1.05 -11.36 5.80
CA LEU A 411 -2.09 -11.69 6.77
C LEU A 411 -1.96 -10.89 8.06
N ALA A 412 -0.74 -10.46 8.43
CA ALA A 412 -0.60 -9.66 9.66
C ALA A 412 -1.53 -8.45 9.63
N LYS A 413 -1.66 -7.82 8.45
CA LYS A 413 -2.53 -6.65 8.29
C LYS A 413 -3.99 -7.05 8.32
N TYR A 414 -4.36 -8.07 7.53
CA TYR A 414 -5.75 -8.52 7.54
C TYR A 414 -6.16 -9.01 8.92
N ASN A 415 -5.27 -9.77 9.59
CA ASN A 415 -5.57 -10.26 10.94
C ASN A 415 -5.80 -9.10 11.90
N GLN A 416 -5.01 -8.05 11.77
CA GLN A 416 -5.17 -6.90 12.66
C GLN A 416 -6.51 -6.23 12.44
N ILE A 417 -6.97 -6.15 11.18
CA ILE A 417 -8.29 -5.57 10.95
C ILE A 417 -9.38 -6.47 11.55
N LEU A 418 -9.19 -7.80 11.52
CA LEU A 418 -10.13 -8.69 12.22
C LEU A 418 -10.15 -8.42 13.72
N ARG A 419 -8.97 -8.18 14.32
CA ARG A 419 -8.93 -7.82 15.74
C ARG A 419 -9.68 -6.53 16.00
N ILE A 420 -9.49 -5.54 15.11
CA ILE A 420 -10.19 -4.26 15.27
C ILE A 420 -11.69 -4.46 15.15
N GLU A 421 -12.12 -5.25 14.16
CA GLU A 421 -13.54 -5.53 13.98
C GLU A 421 -14.14 -6.11 15.25
N GLU A 422 -13.42 -7.04 15.88
CA GLU A 422 -13.91 -7.66 17.11
C GLU A 422 -13.97 -6.64 18.25
N GLU A 423 -12.95 -5.79 18.35
CA GLU A 423 -12.91 -4.79 19.42
C GLU A 423 -14.05 -3.78 19.27
N ILE A 424 -14.31 -3.31 18.05
CA ILE A 424 -15.42 -2.39 17.85
C ILE A 424 -16.73 -3.06 18.24
N GLY A 425 -16.91 -4.32 17.87
CA GLY A 425 -18.07 -5.06 18.32
C GLY A 425 -19.24 -4.99 17.35
N ALA A 426 -20.41 -5.33 17.88
N ALA A 426 -20.42 -5.32 17.88
CA ALA A 426 -21.64 -5.23 17.12
CA ALA A 426 -21.55 -5.72 17.03
C ALA A 426 -21.86 -3.80 16.65
C ALA A 426 -21.95 -4.65 16.02
N GLY A 427 -22.44 -3.67 15.46
N GLY A 427 -21.79 -3.37 16.36
CA GLY A 427 -22.57 -2.38 14.85
CA GLY A 427 -22.24 -2.30 15.47
C GLY A 427 -21.35 -1.89 14.11
C GLY A 427 -21.15 -1.75 14.57
N VAL A 428 -20.23 -2.61 14.17
CA VAL A 428 -19.08 -2.22 13.36
C VAL A 428 -19.51 -2.06 11.92
N LYS A 429 -19.02 -1.03 11.24
CA LYS A 429 -19.42 -0.75 9.87
C LYS A 429 -18.35 -1.21 8.89
N PHE A 430 -18.81 -1.76 7.76
CA PHE A 430 -17.96 -2.26 6.68
C PHE A 430 -18.32 -1.52 5.40
N ALA A 431 -17.31 -0.99 4.70
CA ALA A 431 -17.56 -0.08 3.58
C ALA A 431 -18.36 -0.76 2.46
N GLY A 432 -18.04 -2.00 2.14
CA GLY A 432 -18.84 -2.71 1.15
C GLY A 432 -18.85 -2.00 -0.19
N LYS A 433 -20.04 -1.82 -0.76
CA LYS A 433 -20.16 -1.20 -2.07
C LYS A 433 -19.75 0.26 -2.09
N SER A 434 -19.65 0.90 -0.92
N SER A 434 -19.65 0.90 -0.92
CA SER A 434 -19.22 2.30 -0.83
CA SER A 434 -19.22 2.30 -0.83
C SER A 434 -17.72 2.43 -0.56
C SER A 434 -17.72 2.43 -0.54
N PHE A 435 -16.92 1.44 -0.98
CA PHE A 435 -15.50 1.45 -0.66
C PHE A 435 -14.77 2.67 -1.22
N ARG A 436 -15.26 3.25 -2.32
CA ARG A 436 -14.56 4.42 -2.85
C ARG A 436 -14.75 5.64 -1.97
N LYS A 437 -15.90 5.76 -1.32
CA LYS A 437 -16.19 6.90 -0.44
C LYS A 437 -17.13 6.43 0.65
N PRO A 438 -16.59 5.88 1.74
CA PRO A 438 -17.48 5.25 2.75
C PRO A 438 -18.45 6.22 3.41
N GLN A 439 -18.07 7.48 3.58
CA GLN A 439 -18.92 8.46 4.26
C GLN A 439 -19.42 9.52 3.30
CD CD B . 27.48 10.00 34.44
CD CD C . 1.41 0.04 -8.25
CO CO D . 4.25 -7.47 -8.09
CL CL E . 1.89 -1.23 -5.82
S SO4 F . -4.80 -8.35 -23.88
O1 SO4 F . -4.83 -8.00 -25.30
O2 SO4 F . -4.73 -7.13 -23.09
O3 SO4 F . -3.61 -9.16 -23.62
O4 SO4 F . -6.01 -9.11 -23.56
S SO4 G . 6.58 -1.69 -4.60
O1 SO4 G . 7.28 -0.43 -4.89
O2 SO4 G . 5.41 -1.82 -5.46
O3 SO4 G . 6.15 -1.73 -3.21
O4 SO4 G . 7.54 -2.75 -4.86
C1 GOL H . -7.23 -4.22 18.27
O1 GOL H . -7.13 -2.81 18.25
C2 GOL H . -6.33 -4.77 19.36
O2 GOL H . -6.67 -6.11 19.60
C3 GOL H . -4.92 -4.70 18.80
O3 GOL H . -4.05 -5.31 19.72
C1 GOL I . 15.50 -9.71 -3.38
C1 GOL I . 15.52 -9.60 -3.27
O1 GOL I . 14.89 -10.69 -4.17
O1 GOL I . 15.21 -10.76 -4.00
C2 GOL I . 16.71 -9.13 -4.10
C2 GOL I . 16.78 -8.95 -3.84
O2 GOL I . 17.59 -8.56 -3.16
O2 GOL I . 17.77 -8.87 -2.84
C3 GOL I . 16.26 -8.08 -5.10
C3 GOL I . 17.28 -9.73 -5.04
O3 GOL I . 15.54 -8.70 -6.14
O3 GOL I . 16.28 -9.77 -6.03
#